data_1DSF
#
_entry.id   1DSF
#
_cell.length_a   80.100
_cell.length_b   80.100
_cell.length_c   138.200
_cell.angle_alpha   90.00
_cell.angle_beta   90.00
_cell.angle_gamma   120.00
#
_symmetry.space_group_name_H-M   'P 61 2 2'
#
loop_
_entity.id
_entity.type
_entity.pdbx_description
1 polymer 'ANTICANCER ANTIBODY B1'
2 polymer 'ANTICANCER ANTIBODY B1'
3 water water
#
loop_
_entity_poly.entity_id
_entity_poly.type
_entity_poly.pdbx_seq_one_letter_code
_entity_poly.pdbx_strand_id
1 'polypeptide(L)'
;DVVMTQTPLSLPVSLGDQASISCRSSQNLVHSDGKTYLHWFLQKPGQSPTLLIYKVSNRFSGVPDRFSGSGSGTDFILKI
SRVEAEDLGVYFCSQSTHVPLTFGCGTKLELK
;
L
2 'polypeptide(L)'
;QLVESGGGLVKPGGSLKLSCAASGFIFSDNYMYWVRQTPEKCLEWVATISDGGTYIDYSDSVKGRFTISRDNAKNNLYLQ
MSSLRSEDTGMYYCGRSPIYYDYAPFTYWGQGTLVTVSA
;
H
#
# COMPACT_ATOMS: atom_id res chain seq x y z
N ASP A 1 8.23 -0.01 -15.11
CA ASP A 1 6.87 -0.12 -14.52
C ASP A 1 6.06 1.15 -14.73
N VAL A 2 4.93 1.22 -14.05
CA VAL A 2 4.05 2.36 -14.14
C VAL A 2 4.44 3.33 -13.04
N VAL A 3 4.82 4.54 -13.43
CA VAL A 3 5.22 5.57 -12.48
C VAL A 3 4.02 6.46 -12.14
N MET A 4 3.73 6.58 -10.85
CA MET A 4 2.61 7.38 -10.35
C MET A 4 3.16 8.71 -9.86
N THR A 5 2.60 9.81 -10.36
CA THR A 5 3.06 11.15 -9.99
C THR A 5 1.99 11.94 -9.25
N GLN A 6 2.30 12.38 -8.02
CA GLN A 6 1.34 13.14 -7.23
C GLN A 6 1.81 14.58 -7.07
N THR A 7 0.88 15.53 -7.19
CA THR A 7 1.17 16.94 -7.02
C THR A 7 0.02 17.56 -6.22
N PRO A 8 0.35 18.41 -5.23
CA PRO A 8 1.72 18.75 -4.91
C PRO A 8 2.26 17.72 -3.89
N LEU A 9 3.41 18.05 -3.31
CA LEU A 9 4.06 17.20 -2.32
C LEU A 9 3.45 17.47 -0.94
N SER A 10 3.40 18.76 -0.59
CA SER A 10 2.81 19.26 0.65
C SER A 10 1.66 20.18 0.26
N LEU A 11 0.55 20.08 0.97
CA LEU A 11 -0.60 20.89 0.69
C LEU A 11 -1.13 21.51 1.98
N PRO A 12 -0.74 22.77 2.30
CA PRO A 12 -1.25 23.42 3.53
C PRO A 12 -2.70 23.80 3.29
N VAL A 13 -3.55 23.46 4.24
CA VAL A 13 -4.97 23.69 4.10
C VAL A 13 -5.51 24.26 5.44
N SER A 14 -6.66 24.89 5.42
CA SER A 14 -7.27 25.37 6.67
C SER A 14 -8.50 24.50 6.93
N LEU A 15 -8.93 24.34 8.18
CA LEU A 15 -10.13 23.53 8.47
C LEU A 15 -11.30 24.14 7.74
N GLY A 16 -12.03 23.33 7.00
CA GLY A 16 -13.17 23.83 6.25
C GLY A 16 -12.89 24.04 4.77
N ASP A 17 -11.62 24.07 4.39
CA ASP A 17 -11.20 24.27 2.98
C ASP A 17 -11.61 23.16 2.04
N GLN A 18 -11.65 23.49 0.77
CA GLN A 18 -11.96 22.51 -0.28
C GLN A 18 -10.57 22.22 -0.90
N ALA A 19 -10.30 20.97 -1.25
CA ALA A 19 -8.99 20.64 -1.83
C ALA A 19 -9.03 19.51 -2.85
N SER A 20 -8.03 19.49 -3.73
CA SER A 20 -7.95 18.45 -4.74
C SER A 20 -6.48 18.03 -4.85
N ILE A 21 -6.26 16.72 -4.99
CA ILE A 21 -4.93 16.13 -5.09
C ILE A 21 -4.92 15.53 -6.49
N SER A 22 -3.84 15.72 -7.22
CA SER A 22 -3.74 15.17 -8.56
C SER A 22 -2.79 13.98 -8.53
N CYS A 23 -3.06 12.99 -9.37
CA CYS A 23 -2.24 11.80 -9.50
C CYS A 23 -2.19 11.44 -10.97
N ARG A 24 -1.00 11.41 -11.55
CA ARG A 24 -0.85 11.07 -12.95
C ARG A 24 -0.06 9.80 -13.12
N SER A 25 -0.48 8.96 -14.05
CA SER A 25 0.19 7.70 -14.30
C SER A 25 1.04 7.77 -15.55
N SER A 26 2.12 6.98 -15.59
CA SER A 26 2.99 6.97 -16.76
C SER A 26 2.36 6.14 -17.87
N GLN A 27 1.31 5.39 -17.54
CA GLN A 27 0.63 4.57 -18.52
C GLN A 27 -0.85 4.58 -18.27
N ASN A 28 -1.62 4.17 -19.27
CA ASN A 28 -3.07 4.13 -19.17
C ASN A 28 -3.38 3.03 -18.20
N LEU A 29 -4.21 3.33 -17.21
CA LEU A 29 -4.56 2.34 -16.20
C LEU A 29 -5.87 1.59 -16.50
N VAL A 30 -6.42 1.78 -17.68
CA VAL A 30 -7.62 1.03 -18.03
C VAL A 30 -7.15 -0.39 -18.39
N HIS A 31 -7.58 -1.36 -17.59
CA HIS A 31 -7.22 -2.76 -17.77
C HIS A 31 -7.97 -3.35 -18.97
N SER A 32 -7.39 -4.39 -19.60
CA SER A 32 -8.03 -5.04 -20.74
C SER A 32 -9.42 -5.55 -20.42
N ASP A 33 -9.72 -5.70 -19.13
CA ASP A 33 -11.05 -6.14 -18.70
C ASP A 33 -12.05 -4.98 -18.59
N GLY A 34 -11.59 -3.79 -18.94
CA GLY A 34 -12.43 -2.60 -18.91
C GLY A 34 -12.53 -1.86 -17.58
N LYS A 35 -11.73 -2.28 -16.61
CA LYS A 35 -11.76 -1.64 -15.29
C LYS A 35 -10.51 -0.81 -15.11
N THR A 36 -10.63 0.23 -14.30
CA THR A 36 -9.51 1.09 -14.02
C THR A 36 -9.15 0.85 -12.58
N TYR A 37 -8.01 0.21 -12.37
CA TYR A 37 -7.55 -0.13 -11.04
C TYR A 37 -6.68 0.92 -10.40
N LEU A 38 -7.28 2.09 -10.16
CA LEU A 38 -6.63 3.24 -9.55
C LEU A 38 -7.24 3.40 -8.16
N HIS A 39 -6.43 3.48 -7.11
CA HIS A 39 -6.92 3.58 -5.73
C HIS A 39 -6.23 4.67 -4.96
N TRP A 40 -6.83 5.03 -3.83
CA TRP A 40 -6.30 6.07 -2.94
C TRP A 40 -6.26 5.54 -1.52
N PHE A 41 -5.14 5.75 -0.84
CA PHE A 41 -4.95 5.31 0.55
C PHE A 41 -4.61 6.52 1.40
N LEU A 42 -5.04 6.51 2.66
CA LEU A 42 -4.75 7.60 3.59
C LEU A 42 -3.86 7.04 4.71
N GLN A 43 -2.78 7.75 5.03
CA GLN A 43 -1.92 7.34 6.13
C GLN A 43 -1.91 8.48 7.13
N LYS A 44 -2.77 8.38 8.14
CA LYS A 44 -2.86 9.41 9.18
C LYS A 44 -1.56 9.42 9.95
N PRO A 45 -1.23 10.55 10.60
CA PRO A 45 0.02 10.64 11.34
C PRO A 45 0.19 9.52 12.36
N GLY A 46 1.28 8.77 12.22
CA GLY A 46 1.56 7.67 13.14
C GLY A 46 0.79 6.38 12.91
N GLN A 47 -0.02 6.33 11.86
CA GLN A 47 -0.83 5.15 11.55
C GLN A 47 -0.30 4.36 10.36
N SER A 48 -1.06 3.37 9.93
CA SER A 48 -0.70 2.56 8.77
C SER A 48 -1.62 3.04 7.67
N PRO A 49 -1.27 2.80 6.39
CA PRO A 49 -2.22 3.28 5.39
C PRO A 49 -3.60 2.66 5.57
N THR A 50 -4.60 3.33 5.03
CA THR A 50 -5.99 2.89 5.04
C THR A 50 -6.61 3.16 3.66
N LEU A 51 -7.39 2.21 3.16
CA LEU A 51 -8.05 2.34 1.87
C LEU A 51 -9.10 3.41 1.98
N LEU A 52 -9.05 4.35 1.04
CA LEU A 52 -9.99 5.45 1.07
C LEU A 52 -11.00 5.32 -0.07
N ILE A 53 -10.47 5.16 -1.28
CA ILE A 53 -11.30 5.06 -2.46
C ILE A 53 -10.67 4.01 -3.36
N TYR A 54 -11.49 3.08 -3.85
CA TYR A 54 -11.01 2.05 -4.74
C TYR A 54 -11.64 2.18 -6.11
N LYS A 55 -10.88 1.80 -7.13
CA LYS A 55 -11.31 1.85 -8.54
C LYS A 55 -11.82 3.21 -9.00
N VAL A 56 -11.00 4.24 -8.74
CA VAL A 56 -11.23 5.63 -9.12
C VAL A 56 -12.21 6.45 -8.28
N SER A 57 -13.43 5.96 -8.09
CA SER A 57 -14.46 6.72 -7.40
C SER A 57 -15.29 6.03 -6.32
N ASN A 58 -14.96 4.78 -6.01
CA ASN A 58 -15.70 4.05 -5.00
C ASN A 58 -15.15 4.25 -3.61
N ARG A 59 -15.96 4.78 -2.73
CA ARG A 59 -15.53 5.00 -1.36
C ARG A 59 -15.62 3.69 -0.60
N PHE A 60 -14.58 3.39 0.17
CA PHE A 60 -14.54 2.19 0.98
C PHE A 60 -15.42 2.39 2.22
N SER A 61 -15.83 1.30 2.83
CA SER A 61 -16.68 1.34 4.01
C SER A 61 -16.14 2.30 5.07
N GLY A 62 -17.02 3.15 5.59
CA GLY A 62 -16.64 4.11 6.61
C GLY A 62 -16.04 5.41 6.11
N VAL A 63 -15.86 5.54 4.80
CA VAL A 63 -15.27 6.73 4.24
C VAL A 63 -16.38 7.80 4.00
N PRO A 64 -16.22 9.00 4.62
CA PRO A 64 -17.19 10.09 4.49
C PRO A 64 -17.31 10.52 3.02
N ASP A 65 -18.45 11.10 2.65
CA ASP A 65 -18.67 11.56 1.29
C ASP A 65 -17.96 12.86 0.93
N ARG A 66 -17.11 13.34 1.84
CA ARG A 66 -16.33 14.55 1.61
C ARG A 66 -15.22 14.17 0.64
N PHE A 67 -15.02 12.87 0.47
CA PHE A 67 -14.01 12.34 -0.41
C PHE A 67 -14.60 11.90 -1.73
N SER A 68 -14.08 12.44 -2.83
CA SER A 68 -14.56 12.03 -4.14
C SER A 68 -13.38 11.92 -5.11
N GLY A 69 -13.35 10.80 -5.84
CA GLY A 69 -12.29 10.56 -6.79
C GLY A 69 -12.88 10.67 -8.18
N SER A 70 -12.06 11.06 -9.14
CA SER A 70 -12.50 11.20 -10.51
C SER A 70 -11.25 10.96 -11.38
N GLY A 71 -11.42 11.01 -12.69
CA GLY A 71 -10.29 10.82 -13.59
C GLY A 71 -10.45 9.70 -14.60
N SER A 72 -9.50 9.59 -15.51
CA SER A 72 -9.57 8.53 -16.49
C SER A 72 -8.26 8.42 -17.26
N GLY A 73 -7.98 7.24 -17.79
CA GLY A 73 -6.76 7.05 -18.55
C GLY A 73 -5.53 7.20 -17.68
N THR A 74 -4.96 8.40 -17.65
CA THR A 74 -3.74 8.64 -16.86
C THR A 74 -3.82 9.79 -15.83
N ASP A 75 -4.91 10.56 -15.85
CA ASP A 75 -5.08 11.67 -14.91
C ASP A 75 -6.22 11.48 -13.94
N PHE A 76 -5.87 11.47 -12.66
CA PHE A 76 -6.86 11.26 -11.62
C PHE A 76 -6.77 12.30 -10.54
N ILE A 77 -7.90 12.54 -9.89
CA ILE A 77 -7.96 13.54 -8.84
C ILE A 77 -8.86 13.18 -7.68
N LEU A 78 -8.33 13.48 -6.49
CA LEU A 78 -9.03 13.26 -5.24
C LEU A 78 -9.51 14.62 -4.75
N LYS A 79 -10.78 14.73 -4.40
CA LYS A 79 -11.34 15.97 -3.91
C LYS A 79 -11.77 15.77 -2.45
N ILE A 80 -11.43 16.72 -1.58
CA ILE A 80 -11.82 16.70 -0.16
C ILE A 80 -12.74 17.92 0.02
N SER A 81 -13.99 17.68 0.42
CA SER A 81 -14.95 18.76 0.55
C SER A 81 -14.75 19.78 1.63
N ARG A 82 -14.74 19.34 2.88
CA ARG A 82 -14.60 20.29 3.97
C ARG A 82 -13.57 19.70 4.89
N VAL A 83 -12.31 20.06 4.67
CA VAL A 83 -11.24 19.52 5.47
C VAL A 83 -11.48 19.63 6.97
N GLU A 84 -11.27 18.51 7.63
CA GLU A 84 -11.39 18.39 9.06
C GLU A 84 -10.04 17.83 9.53
N ALA A 85 -9.72 18.05 10.79
CA ALA A 85 -8.46 17.58 11.36
C ALA A 85 -8.18 16.10 11.15
N GLU A 86 -9.22 15.27 11.12
CA GLU A 86 -9.02 13.83 10.93
C GLU A 86 -8.57 13.44 9.52
N ASP A 87 -8.57 14.41 8.60
CA ASP A 87 -8.14 14.16 7.22
C ASP A 87 -6.63 14.33 7.09
N LEU A 88 -6.01 15.00 8.06
CA LEU A 88 -4.59 15.26 8.01
C LEU A 88 -3.82 13.94 7.91
N GLY A 89 -2.77 13.94 7.10
CA GLY A 89 -1.97 12.75 6.89
C GLY A 89 -1.38 12.75 5.50
N VAL A 90 -0.98 11.59 5.00
CA VAL A 90 -0.39 11.46 3.66
C VAL A 90 -1.31 10.62 2.75
N TYR A 91 -1.68 11.19 1.60
CA TYR A 91 -2.52 10.52 0.60
C TYR A 91 -1.62 9.95 -0.50
N PHE A 92 -1.87 8.70 -0.87
CA PHE A 92 -1.09 8.00 -1.88
C PHE A 92 -2.07 7.47 -2.90
N CYS A 93 -1.71 7.56 -4.17
CA CYS A 93 -2.55 6.95 -5.18
C CYS A 93 -1.81 5.64 -5.50
N SER A 94 -2.55 4.65 -5.95
CA SER A 94 -1.98 3.34 -6.19
C SER A 94 -2.69 2.74 -7.39
N GLN A 95 -1.97 1.98 -8.21
CA GLN A 95 -2.59 1.31 -9.35
C GLN A 95 -2.34 -0.18 -9.27
N SER A 96 -3.31 -0.97 -9.70
CA SER A 96 -3.11 -2.42 -9.69
C SER A 96 -3.56 -3.00 -11.03
N THR A 97 -3.52 -2.16 -12.07
CA THR A 97 -3.86 -2.57 -13.43
C THR A 97 -2.61 -3.26 -13.96
N HIS A 98 -1.46 -2.77 -13.54
CA HIS A 98 -0.19 -3.31 -14.01
C HIS A 98 0.65 -3.93 -12.89
N VAL A 99 1.50 -4.85 -13.29
CA VAL A 99 2.42 -5.53 -12.42
C VAL A 99 3.78 -5.07 -12.91
N PRO A 100 4.66 -4.60 -12.00
CA PRO A 100 4.44 -4.49 -10.55
C PRO A 100 3.33 -3.52 -10.17
N LEU A 101 2.73 -3.73 -9.00
CA LEU A 101 1.68 -2.86 -8.50
C LEU A 101 2.53 -1.69 -8.00
N THR A 102 2.16 -0.47 -8.37
CA THR A 102 2.95 0.71 -7.98
C THR A 102 2.16 1.77 -7.20
N PHE A 103 2.89 2.61 -6.46
CA PHE A 103 2.29 3.68 -5.64
C PHE A 103 2.96 5.01 -5.95
N GLY A 104 2.27 6.10 -5.61
CA GLY A 104 2.83 7.42 -5.76
C GLY A 104 3.53 7.62 -4.41
N CYS A 105 4.36 8.65 -4.28
CA CYS A 105 5.06 8.92 -3.02
C CYS A 105 4.30 9.77 -2.02
N GLY A 106 3.01 10.00 -2.27
CA GLY A 106 2.20 10.76 -1.33
C GLY A 106 2.13 12.27 -1.41
N THR A 107 1.06 12.80 -0.82
CA THR A 107 0.80 14.22 -0.72
C THR A 107 0.46 14.47 0.74
N LYS A 108 1.27 15.28 1.42
CA LYS A 108 1.09 15.60 2.82
C LYS A 108 0.11 16.76 3.04
N LEU A 109 -1.05 16.46 3.63
CA LEU A 109 -2.07 17.47 3.88
C LEU A 109 -1.71 18.05 5.22
N GLU A 110 -1.35 19.32 5.24
CA GLU A 110 -0.94 19.96 6.49
C GLU A 110 -1.83 21.13 6.91
N LEU A 111 -2.03 21.29 8.21
CA LEU A 111 -2.84 22.37 8.74
C LEU A 111 -2.00 23.62 8.61
N LYS A 112 -2.48 24.64 7.89
CA LYS A 112 -1.69 25.86 7.70
C LYS A 112 -1.89 26.96 8.71
N GLN B 1 -6.97 -7.97 12.28
CA GLN B 1 -5.77 -7.76 13.13
C GLN B 1 -4.56 -8.45 12.51
N LEU B 2 -3.58 -7.63 12.13
CA LEU B 2 -2.33 -8.08 11.50
C LEU B 2 -1.17 -7.49 12.26
N VAL B 3 -0.29 -8.37 12.74
CA VAL B 3 0.88 -7.94 13.50
C VAL B 3 2.17 -8.54 12.93
N GLU B 4 3.05 -7.66 12.50
CA GLU B 4 4.34 -8.02 11.90
C GLU B 4 5.42 -8.01 12.94
N SER B 5 6.34 -8.96 12.84
CA SER B 5 7.47 -9.05 13.74
C SER B 5 8.68 -9.60 12.96
N GLY B 6 9.86 -9.56 13.56
CA GLY B 6 11.03 -10.06 12.86
C GLY B 6 11.98 -9.02 12.28
N GLY B 7 11.54 -7.77 12.17
CA GLY B 7 12.39 -6.72 11.62
C GLY B 7 13.53 -6.28 12.53
N GLY B 8 14.63 -5.81 11.94
CA GLY B 8 15.76 -5.36 12.74
C GLY B 8 16.82 -4.69 11.90
N LEU B 9 18.01 -4.53 12.47
CA LEU B 9 19.11 -3.92 11.77
C LEU B 9 20.03 -5.05 11.37
N VAL B 10 20.30 -5.19 10.09
CA VAL B 10 21.20 -6.23 9.64
C VAL B 10 22.17 -5.51 8.75
N LYS B 11 23.17 -6.23 8.25
CA LYS B 11 24.15 -5.62 7.37
C LYS B 11 23.86 -6.10 5.95
N PRO B 12 24.28 -5.33 4.94
CA PRO B 12 24.07 -5.71 3.55
C PRO B 12 24.57 -7.13 3.27
N GLY B 13 23.72 -7.94 2.65
CA GLY B 13 24.06 -9.32 2.36
C GLY B 13 23.45 -10.23 3.40
N GLY B 14 22.74 -9.64 4.35
CA GLY B 14 22.12 -10.43 5.39
C GLY B 14 20.83 -11.12 4.99
N SER B 15 20.29 -11.85 5.95
CA SER B 15 19.06 -12.59 5.81
C SER B 15 18.18 -12.21 6.99
N LEU B 16 16.88 -12.18 6.78
CA LEU B 16 15.97 -11.81 7.85
C LEU B 16 14.64 -12.44 7.47
N LYS B 17 13.91 -12.95 8.45
CA LYS B 17 12.62 -13.54 8.18
C LYS B 17 11.53 -12.74 8.92
N LEU B 18 10.64 -12.12 8.18
CA LEU B 18 9.57 -11.34 8.76
C LEU B 18 8.33 -12.21 8.97
N SER B 19 7.56 -11.91 10.02
CA SER B 19 6.33 -12.65 10.31
C SER B 19 5.13 -11.73 10.48
N CYS B 20 3.98 -12.19 10.02
CA CYS B 20 2.75 -11.43 10.15
C CYS B 20 1.71 -12.39 10.67
N ALA B 21 1.26 -12.15 11.90
CA ALA B 21 0.26 -13.00 12.54
C ALA B 21 -1.12 -12.39 12.34
N ALA B 22 -2.07 -13.21 11.91
CA ALA B 22 -3.43 -12.80 11.64
C ALA B 22 -4.34 -13.15 12.79
N SER B 23 -5.42 -12.38 12.93
CA SER B 23 -6.44 -12.61 13.94
C SER B 23 -7.65 -11.73 13.71
N GLY B 24 -8.83 -12.27 13.98
CA GLY B 24 -10.04 -11.49 13.81
C GLY B 24 -10.74 -11.66 12.48
N PHE B 25 -10.14 -12.43 11.58
CA PHE B 25 -10.70 -12.67 10.25
C PHE B 25 -10.37 -14.10 9.80
N ILE B 26 -11.04 -14.55 8.74
CA ILE B 26 -10.85 -15.92 8.25
C ILE B 26 -9.51 -16.33 7.62
N PHE B 27 -8.61 -15.41 7.32
CA PHE B 27 -7.28 -15.74 6.75
C PHE B 27 -7.22 -16.55 5.47
N SER B 28 -7.85 -17.72 5.46
CA SER B 28 -7.88 -18.58 4.27
C SER B 28 -8.73 -17.99 3.14
N ASP B 29 -9.40 -16.86 3.39
CA ASP B 29 -10.12 -16.22 2.30
C ASP B 29 -9.65 -14.78 2.08
N ASN B 30 -8.33 -14.62 2.17
CA ASN B 30 -7.64 -13.36 1.97
C ASN B 30 -6.32 -13.58 1.25
N TYR B 31 -6.04 -12.76 0.24
CA TYR B 31 -4.78 -12.78 -0.46
C TYR B 31 -3.93 -12.02 0.54
N MET B 32 -2.65 -12.36 0.65
CA MET B 32 -1.79 -11.64 1.59
C MET B 32 -0.73 -10.89 0.80
N TYR B 33 -0.25 -9.81 1.39
CA TYR B 33 0.75 -8.98 0.73
C TYR B 33 1.79 -8.48 1.71
N TRP B 34 2.91 -8.06 1.14
CA TRP B 34 4.01 -7.45 1.87
C TRP B 34 4.25 -6.16 1.10
N VAL B 35 4.21 -5.02 1.79
CA VAL B 35 4.45 -3.73 1.16
C VAL B 35 5.44 -3.01 2.06
N ARG B 36 6.34 -2.24 1.47
CA ARG B 36 7.28 -1.49 2.27
C ARG B 36 7.18 -0.01 1.96
N GLN B 37 7.41 0.80 2.98
CA GLN B 37 7.41 2.23 2.83
C GLN B 37 8.88 2.63 3.04
N THR B 38 9.48 3.36 2.10
CA THR B 38 10.88 3.80 2.21
C THR B 38 10.99 5.01 3.12
N PRO B 39 12.21 5.36 3.55
CA PRO B 39 12.41 6.53 4.41
C PRO B 39 11.88 7.80 3.77
N GLU B 40 11.67 7.78 2.45
CA GLU B 40 11.16 8.91 1.71
C GLU B 40 9.65 8.99 1.76
N LYS B 41 9.03 7.97 2.37
CA LYS B 41 7.58 7.82 2.52
C LYS B 41 6.89 7.11 1.35
N CYS B 42 7.66 6.78 0.30
CA CYS B 42 7.09 6.10 -0.87
C CYS B 42 6.71 4.69 -0.51
N LEU B 43 5.65 4.19 -1.12
CA LEU B 43 5.19 2.82 -0.87
C LEU B 43 5.59 1.94 -2.06
N GLU B 44 6.18 0.77 -1.76
CA GLU B 44 6.61 -0.21 -2.77
C GLU B 44 6.06 -1.59 -2.46
N TRP B 45 5.28 -2.14 -3.39
CA TRP B 45 4.75 -3.48 -3.21
C TRP B 45 5.91 -4.50 -3.29
N VAL B 46 5.92 -5.45 -2.36
CA VAL B 46 6.99 -6.45 -2.31
C VAL B 46 6.58 -7.81 -2.91
N ALA B 47 5.43 -8.32 -2.45
CA ALA B 47 5.00 -9.61 -2.92
C ALA B 47 3.54 -9.81 -2.62
N THR B 48 2.99 -10.86 -3.23
CA THR B 48 1.59 -11.25 -3.08
C THR B 48 1.47 -12.79 -3.02
N ILE B 49 0.52 -13.28 -2.24
CA ILE B 49 0.28 -14.71 -2.22
C ILE B 49 -1.22 -14.87 -2.12
N SER B 50 -1.77 -15.75 -2.96
CA SER B 50 -3.18 -15.96 -2.95
C SER B 50 -3.60 -16.77 -1.72
N ASP B 51 -4.91 -16.82 -1.52
CA ASP B 51 -5.48 -17.63 -0.46
C ASP B 51 -5.15 -19.04 -1.01
N GLY B 52 -4.67 -19.92 -0.16
CA GLY B 52 -4.34 -21.25 -0.65
C GLY B 52 -2.90 -21.39 -1.11
N GLY B 53 -2.22 -20.25 -1.30
CA GLY B 53 -0.84 -20.25 -1.72
C GLY B 53 -0.57 -20.86 -3.08
N THR B 54 -1.58 -20.89 -3.93
CA THR B 54 -1.43 -21.47 -5.26
C THR B 54 -0.73 -20.52 -6.25
N TYR B 55 -0.82 -19.22 -5.99
CA TYR B 55 -0.24 -18.17 -6.82
C TYR B 55 0.53 -17.18 -5.95
N ILE B 56 1.67 -16.71 -6.45
CA ILE B 56 2.53 -15.76 -5.74
C ILE B 56 3.13 -14.88 -6.83
N ASP B 57 3.48 -13.64 -6.49
CA ASP B 57 4.16 -12.71 -7.41
C ASP B 57 5.06 -11.80 -6.58
N TYR B 58 6.16 -11.33 -7.16
CA TYR B 58 7.13 -10.46 -6.48
C TYR B 58 7.49 -9.27 -7.35
N SER B 59 8.10 -8.25 -6.75
CA SER B 59 8.55 -7.12 -7.54
C SER B 59 9.88 -7.62 -8.06
N ASP B 60 10.26 -7.17 -9.25
CA ASP B 60 11.50 -7.61 -9.86
C ASP B 60 12.73 -7.42 -9.01
N SER B 61 12.83 -6.27 -8.35
CA SER B 61 13.97 -5.97 -7.52
C SER B 61 14.11 -6.93 -6.35
N VAL B 62 13.08 -7.73 -6.16
CA VAL B 62 12.97 -8.66 -5.06
C VAL B 62 13.01 -10.15 -5.45
N LYS B 63 12.60 -10.46 -6.69
CA LYS B 63 12.56 -11.85 -7.21
C LYS B 63 13.83 -12.66 -6.92
N GLY B 64 13.64 -13.93 -6.51
CA GLY B 64 14.78 -14.79 -6.21
C GLY B 64 15.38 -14.57 -4.83
N ARG B 65 15.54 -13.31 -4.42
CA ARG B 65 16.14 -12.93 -3.12
C ARG B 65 15.16 -13.07 -1.98
N PHE B 66 13.91 -12.73 -2.23
CA PHE B 66 12.87 -12.79 -1.21
C PHE B 66 11.96 -13.98 -1.45
N THR B 67 11.36 -14.49 -0.38
CA THR B 67 10.50 -15.66 -0.48
C THR B 67 9.29 -15.53 0.43
N ILE B 68 8.10 -15.53 -0.15
CA ILE B 68 6.85 -15.39 0.61
C ILE B 68 6.11 -16.72 0.74
N SER B 69 5.48 -16.95 1.89
CA SER B 69 4.69 -18.15 2.13
C SER B 69 3.70 -17.90 3.25
N ARG B 70 2.50 -18.46 3.13
CA ARG B 70 1.53 -18.32 4.18
C ARG B 70 1.54 -19.73 4.72
N ASP B 71 2.52 -20.01 5.54
CA ASP B 71 2.63 -21.34 6.09
C ASP B 71 1.68 -21.37 7.27
N ASN B 72 1.57 -22.52 7.91
CA ASN B 72 0.71 -22.60 9.06
C ASN B 72 1.41 -23.18 10.24
N ALA B 73 1.59 -22.29 11.20
CA ALA B 73 2.14 -22.57 12.51
C ALA B 73 0.81 -22.27 13.22
N LYS B 74 0.19 -21.18 12.76
CA LYS B 74 -1.12 -20.71 13.23
C LYS B 74 -1.43 -19.38 12.57
N ASN B 75 -2.08 -19.42 11.40
CA ASN B 75 -2.44 -18.19 10.70
C ASN B 75 -1.28 -17.22 10.52
N ASN B 76 -0.24 -17.66 9.79
CA ASN B 76 0.96 -16.86 9.58
C ASN B 76 1.32 -16.63 8.13
N LEU B 77 1.88 -15.44 7.88
CA LEU B 77 2.36 -15.04 6.56
C LEU B 77 3.87 -14.80 6.78
N TYR B 78 4.71 -15.27 5.87
CA TYR B 78 6.14 -15.10 6.04
C TYR B 78 6.83 -14.45 4.87
N LEU B 79 7.98 -13.87 5.17
CA LEU B 79 8.78 -13.25 4.14
C LEU B 79 10.21 -13.52 4.56
N GLN B 80 10.85 -14.42 3.85
CA GLN B 80 12.24 -14.74 4.11
C GLN B 80 13.05 -13.81 3.21
N MET B 81 13.92 -13.01 3.79
CA MET B 81 14.72 -12.08 3.03
C MET B 81 16.20 -12.47 3.09
N SER B 82 16.88 -12.42 1.96
CA SER B 82 18.31 -12.73 1.95
C SER B 82 18.98 -11.77 0.98
N SER B 83 20.30 -11.70 1.03
CA SER B 83 21.06 -10.79 0.14
C SER B 83 20.55 -9.37 0.33
N LEU B 84 20.32 -8.98 1.57
CA LEU B 84 19.80 -7.67 1.87
C LEU B 84 20.66 -6.50 1.43
N ARG B 85 20.02 -5.58 0.72
CA ARG B 85 20.67 -4.38 0.23
C ARG B 85 20.17 -3.19 1.06
N SER B 86 20.86 -2.06 0.96
CA SER B 86 20.49 -0.85 1.70
C SER B 86 19.15 -0.36 1.16
N GLU B 87 18.97 -0.59 -0.13
CA GLU B 87 17.77 -0.27 -0.87
C GLU B 87 16.53 -0.98 -0.26
N ASP B 88 16.74 -1.97 0.61
CA ASP B 88 15.61 -2.68 1.21
C ASP B 88 15.17 -2.11 2.54
N THR B 89 15.83 -1.03 2.98
CA THR B 89 15.46 -0.44 4.25
C THR B 89 14.09 0.21 4.17
N GLY B 90 13.29 -0.02 5.21
CA GLY B 90 11.96 0.54 5.26
C GLY B 90 11.11 -0.17 6.29
N MET B 91 9.86 0.28 6.38
CA MET B 91 8.89 -0.31 7.29
C MET B 91 8.09 -1.29 6.43
N TYR B 92 8.14 -2.56 6.81
CA TYR B 92 7.39 -3.59 6.10
C TYR B 92 6.04 -3.81 6.79
N TYR B 93 4.97 -3.83 5.99
CA TYR B 93 3.62 -4.08 6.49
C TYR B 93 3.11 -5.28 5.71
N CYS B 94 2.28 -6.07 6.36
CA CYS B 94 1.66 -7.15 5.65
C CYS B 94 0.28 -6.51 5.43
N GLY B 95 -0.48 -7.02 4.49
CA GLY B 95 -1.79 -6.47 4.22
C GLY B 95 -2.61 -7.58 3.64
N ARG B 96 -3.92 -7.36 3.50
CA ARG B 96 -4.79 -8.40 2.96
C ARG B 96 -5.91 -7.83 2.12
N SER B 97 -6.50 -8.68 1.29
CA SER B 97 -7.64 -8.27 0.50
C SER B 97 -8.56 -9.49 0.35
N PRO B 98 -9.84 -9.31 0.70
CA PRO B 98 -10.84 -10.37 0.62
C PRO B 98 -11.05 -10.86 -0.81
N ILE B 99 -11.11 -12.17 -0.92
CA ILE B 99 -11.26 -12.87 -2.18
C ILE B 99 -12.61 -12.76 -2.88
N TYR B 100 -13.67 -12.65 -2.09
CA TYR B 100 -15.00 -12.60 -2.65
C TYR B 100 -15.50 -11.26 -3.15
N TYR B 101 -14.79 -10.16 -2.89
CA TYR B 101 -15.39 -8.85 -3.24
C TYR B 101 -14.88 -7.79 -4.25
N ASP B 102 -13.64 -7.84 -4.69
CA ASP B 102 -13.15 -6.80 -5.62
C ASP B 102 -13.23 -5.36 -5.10
N TYR B 103 -12.22 -4.98 -4.33
CA TYR B 103 -12.11 -3.63 -3.80
C TYR B 103 -10.78 -3.11 -4.33
N ALA B 104 -9.73 -3.29 -3.53
CA ALA B 104 -8.39 -2.86 -3.88
C ALA B 104 -7.40 -3.82 -3.23
N PRO B 105 -6.22 -4.01 -3.85
CA PRO B 105 -5.22 -4.90 -3.22
C PRO B 105 -4.91 -4.21 -1.90
N PHE B 106 -4.35 -4.92 -0.94
CA PHE B 106 -4.03 -4.34 0.37
C PHE B 106 -5.20 -3.56 0.99
N THR B 107 -6.35 -4.21 1.09
CA THR B 107 -7.54 -3.56 1.66
C THR B 107 -7.29 -3.17 3.12
N TYR B 108 -6.54 -4.00 3.84
CA TYR B 108 -6.23 -3.75 5.24
C TYR B 108 -4.74 -3.88 5.47
N TRP B 109 -4.19 -3.09 6.40
CA TRP B 109 -2.76 -3.14 6.68
C TRP B 109 -2.47 -3.41 8.14
N GLY B 110 -1.29 -3.94 8.41
CA GLY B 110 -0.90 -4.22 9.78
C GLY B 110 -0.24 -2.97 10.32
N GLN B 111 0.47 -3.08 11.44
CA GLN B 111 1.13 -1.93 12.06
C GLN B 111 2.53 -1.59 11.54
N GLY B 112 3.20 -2.58 10.95
CA GLY B 112 4.53 -2.39 10.40
C GLY B 112 5.66 -2.92 11.24
N THR B 113 6.76 -3.28 10.57
CA THR B 113 7.97 -3.79 11.22
C THR B 113 9.10 -3.14 10.41
N LEU B 114 10.00 -2.44 11.09
CA LEU B 114 11.08 -1.77 10.39
C LEU B 114 12.27 -2.70 10.21
N VAL B 115 12.94 -2.56 9.08
CA VAL B 115 14.12 -3.34 8.79
C VAL B 115 15.15 -2.35 8.25
N THR B 116 16.32 -2.28 8.88
CA THR B 116 17.35 -1.36 8.44
C THR B 116 18.62 -2.10 8.07
N VAL B 117 18.98 -1.97 6.81
CA VAL B 117 20.15 -2.63 6.25
C VAL B 117 21.24 -1.59 6.14
N SER B 118 22.20 -1.63 7.05
CA SER B 118 23.26 -0.66 7.04
C SER B 118 24.47 -1.06 7.87
N ALA B 119 25.60 -0.41 7.59
CA ALA B 119 26.88 -0.63 8.28
C ALA B 119 27.45 -2.00 7.92
#